data_5L2L
#
_entry.id   5L2L
#
_cell.length_a   46.669
_cell.length_b   85.035
_cell.length_c   64.956
_cell.angle_alpha   90.00
_cell.angle_beta   99.07
_cell.angle_gamma   90.00
#
_symmetry.space_group_name_H-M   'P 1 21 1'
#
loop_
_entity.id
_entity.type
_entity.pdbx_description
1 polymer Nab2p
2 polymer "RNA (5'-R(*AP*AP*AP*AP*AP*AP*AP*AP*AP*G)-3')"
3 non-polymer 'ZINC ION'
4 water water
#
loop_
_entity_poly.entity_id
_entity_poly.type
_entity_poly.pdbx_seq_one_letter_code
_entity_poly.pdbx_strand_id
1 'polypeptide(L)' GSEKSLEQCKFGTHCTNKRCKYRHARSHIMCREGANCTRIDCLFGHPINEDCRFGVNCKNIYCLFRHPPGRVLPEKK A,B,E,F
2 'polyribonucleotide' AAAAAAAAAAAG C,D,G,H
#
loop_
_chem_comp.id
_chem_comp.type
_chem_comp.name
_chem_comp.formula
A RNA linking ADENOSINE-5'-MONOPHOSPHATE 'C10 H14 N5 O7 P'
G RNA linking GUANOSINE-5'-MONOPHOSPHATE 'C10 H14 N5 O8 P'
ZN non-polymer 'ZINC ION' 'Zn 2'
#
# COMPACT_ATOMS: atom_id res chain seq x y z
N SER A 2 3.02 -22.76 -1.82
CA SER A 2 3.71 -21.64 -2.45
C SER A 2 4.05 -21.93 -3.92
N GLU A 3 3.82 -20.94 -4.77
CA GLU A 3 4.18 -20.98 -6.17
C GLU A 3 5.24 -19.93 -6.46
N LYS A 4 6.14 -20.23 -7.41
CA LYS A 4 7.13 -19.23 -7.86
C LYS A 4 7.30 -19.30 -9.37
N SER A 5 7.18 -18.14 -10.02
CA SER A 5 7.34 -17.97 -11.45
C SER A 5 8.55 -17.09 -11.75
N LEU A 6 9.17 -17.31 -12.91
CA LEU A 6 10.24 -16.41 -13.40
C LEU A 6 9.71 -15.11 -14.01
N GLU A 7 8.41 -15.03 -14.32
CA GLU A 7 7.83 -13.81 -14.85
C GLU A 7 8.04 -12.64 -13.87
N GLN A 8 8.34 -11.46 -14.42
CA GLN A 8 8.64 -10.27 -13.61
C GLN A 8 7.38 -9.61 -13.06
N CYS A 9 7.39 -9.29 -11.75
CA CYS A 9 6.28 -8.52 -11.15
C CYS A 9 6.33 -7.08 -11.65
N LYS A 10 5.19 -6.59 -12.15
CA LYS A 10 5.17 -5.24 -12.71
C LYS A 10 5.24 -4.15 -11.64
N PHE A 11 5.08 -4.50 -10.36
CA PHE A 11 5.06 -3.50 -9.28
C PHE A 11 6.37 -3.41 -8.50
N GLY A 12 7.30 -4.35 -8.68
CA GLY A 12 8.62 -4.23 -8.08
C GLY A 12 8.58 -4.12 -6.56
N THR A 13 9.37 -3.18 -6.02
CA THR A 13 9.45 -3.01 -4.56
C THR A 13 8.17 -2.42 -3.97
N HIS A 14 7.22 -1.99 -4.81
CA HIS A 14 5.96 -1.45 -4.32
C HIS A 14 4.79 -2.42 -4.47
N CYS A 15 5.09 -3.69 -4.76
CA CYS A 15 4.09 -4.75 -4.71
C CYS A 15 3.61 -4.98 -3.28
N THR A 16 2.29 -5.05 -3.10
CA THR A 16 1.72 -5.27 -1.78
C THR A 16 0.84 -6.53 -1.72
N ASN A 17 0.99 -7.43 -2.69
CA ASN A 17 0.38 -8.75 -2.68
C ASN A 17 1.27 -9.72 -1.89
N LYS A 18 0.85 -10.08 -0.68
CA LYS A 18 1.67 -10.92 0.19
C LYS A 18 1.81 -12.35 -0.30
N ARG A 19 1.02 -12.77 -1.29
CA ARG A 19 1.17 -14.09 -1.92
C ARG A 19 1.70 -14.01 -3.34
N CYS A 20 2.29 -12.87 -3.73
CA CYS A 20 2.77 -12.71 -5.10
C CYS A 20 3.79 -13.79 -5.46
N LYS A 21 3.59 -14.42 -6.62
CA LYS A 21 4.48 -15.49 -7.05
C LYS A 21 5.56 -15.05 -8.03
N TYR A 22 5.65 -13.76 -8.36
CA TYR A 22 6.53 -13.28 -9.42
C TYR A 22 7.86 -12.73 -8.86
N ARG A 23 8.80 -12.43 -9.77
CA ARG A 23 10.11 -11.90 -9.37
C ARG A 23 10.07 -10.39 -9.15
N HIS A 24 10.82 -9.93 -8.14
CA HIS A 24 10.82 -8.52 -7.75
C HIS A 24 12.25 -7.96 -7.81
N ALA A 25 12.42 -6.87 -8.57
CA ALA A 25 13.71 -6.20 -8.68
C ALA A 25 13.91 -5.20 -7.53
N ARG A 26 15.08 -5.26 -6.88
CA ARG A 26 15.50 -4.27 -5.88
C ARG A 26 16.70 -3.44 -6.37
N SER A 27 17.09 -3.61 -7.63
CA SER A 27 18.15 -2.81 -8.27
C SER A 27 17.62 -2.20 -9.56
N HIS A 28 18.06 -0.97 -9.84
CA HIS A 28 17.79 -0.31 -11.13
C HIS A 28 18.64 -0.86 -12.26
N ILE A 29 19.64 -1.69 -11.95
CA ILE A 29 20.46 -2.33 -12.97
C ILE A 29 19.68 -3.48 -13.60
N MET A 30 19.67 -3.53 -14.94
CA MET A 30 19.06 -4.63 -15.66
C MET A 30 19.95 -5.88 -15.62
N CYS A 31 19.35 -7.02 -15.32
CA CYS A 31 20.10 -8.27 -15.22
C CYS A 31 20.88 -8.53 -16.50
N ARG A 32 22.16 -8.93 -16.36
CA ARG A 32 22.99 -9.15 -17.53
C ARG A 32 22.53 -10.34 -18.37
N GLU A 33 21.71 -11.25 -17.81
CA GLU A 33 21.14 -12.36 -18.57
C GLU A 33 19.74 -12.07 -19.11
N GLY A 34 19.18 -10.90 -18.82
CA GLY A 34 17.87 -10.56 -19.35
C GLY A 34 16.80 -11.58 -19.05
N ALA A 35 15.89 -11.77 -20.03
CA ALA A 35 14.80 -12.72 -19.90
C ALA A 35 15.27 -14.17 -19.86
N ASN A 36 16.57 -14.41 -20.05
CA ASN A 36 17.13 -15.76 -19.97
C ASN A 36 17.52 -16.19 -18.55
N CYS A 37 17.45 -15.27 -17.58
CA CYS A 37 17.90 -15.58 -16.22
C CYS A 37 16.93 -16.56 -15.54
N THR A 38 17.48 -17.59 -14.89
CA THR A 38 16.66 -18.61 -14.24
C THR A 38 16.74 -18.61 -12.72
N ARG A 39 17.30 -17.58 -12.10
CA ARG A 39 17.45 -17.49 -10.65
C ARG A 39 16.17 -16.90 -10.03
N ILE A 40 15.45 -17.71 -9.27
CA ILE A 40 14.12 -17.32 -8.78
C ILE A 40 14.21 -16.06 -7.90
N ASP A 41 15.24 -15.97 -7.05
CA ASP A 41 15.39 -14.84 -6.14
C ASP A 41 16.29 -13.73 -6.69
N CYS A 42 16.55 -13.71 -8.01
CA CYS A 42 17.37 -12.65 -8.59
C CYS A 42 16.79 -11.25 -8.32
N LEU A 43 17.64 -10.33 -7.88
CA LEU A 43 17.19 -8.98 -7.50
C LEU A 43 17.38 -7.94 -8.60
N PHE A 44 17.96 -8.30 -9.74
CA PHE A 44 18.14 -7.37 -10.85
C PHE A 44 16.92 -7.36 -11.77
N GLY A 45 16.82 -6.32 -12.61
CA GLY A 45 15.62 -6.18 -13.45
C GLY A 45 15.59 -7.11 -14.66
N HIS A 46 14.40 -7.63 -14.97
CA HIS A 46 14.18 -8.41 -16.18
C HIS A 46 12.99 -7.84 -16.94
N PRO A 47 12.91 -8.05 -18.26
CA PRO A 47 11.82 -7.45 -19.04
C PRO A 47 10.43 -7.86 -18.57
N ILE A 48 9.50 -6.88 -18.59
CA ILE A 48 8.07 -7.10 -18.39
C ILE A 48 7.41 -7.24 -19.76
N ASN A 49 6.58 -8.26 -19.93
CA ASN A 49 5.95 -8.49 -21.24
C ASN A 49 4.62 -7.73 -21.33
N GLU A 50 4.74 -6.40 -21.47
CA GLU A 50 3.62 -5.50 -21.62
C GLU A 50 4.14 -4.18 -22.20
N ASP A 51 3.37 -3.57 -23.11
CA ASP A 51 3.75 -2.30 -23.73
C ASP A 51 3.71 -1.17 -22.69
N CYS A 52 4.75 -0.33 -22.68
CA CYS A 52 4.77 0.84 -21.81
C CYS A 52 3.68 1.84 -22.18
N ARG A 53 2.91 2.27 -21.18
CA ARG A 53 1.90 3.32 -21.37
C ARG A 53 2.48 4.64 -21.87
N PHE A 54 3.76 4.89 -21.64
CA PHE A 54 4.37 6.19 -21.92
C PHE A 54 5.23 6.17 -23.20
N GLY A 55 5.26 5.05 -23.92
CA GLY A 55 5.67 5.01 -25.32
C GLY A 55 7.11 5.40 -25.62
N VAL A 56 7.31 5.92 -26.84
CA VAL A 56 8.67 6.23 -27.28
C VAL A 56 9.26 7.38 -26.46
N ASN A 57 8.42 8.24 -25.86
CA ASN A 57 8.85 9.40 -25.09
C ASN A 57 9.00 9.13 -23.60
N CYS A 58 8.91 7.86 -23.17
CA CYS A 58 9.10 7.52 -21.76
C CYS A 58 10.48 7.95 -21.30
N LYS A 59 10.53 8.77 -20.25
CA LYS A 59 11.76 9.38 -19.78
C LYS A 59 12.46 8.59 -18.68
N ASN A 60 11.88 7.47 -18.23
CA ASN A 60 12.44 6.65 -17.16
C ASN A 60 13.41 5.61 -17.74
N ILE A 61 14.72 5.86 -17.62
CA ILE A 61 15.67 4.96 -18.28
C ILE A 61 15.72 3.58 -17.62
N TYR A 62 15.17 3.44 -16.41
CA TYR A 62 15.11 2.16 -15.72
C TYR A 62 13.84 1.37 -16.01
N CYS A 63 12.95 1.89 -16.86
CA CYS A 63 11.65 1.28 -17.12
C CYS A 63 11.82 -0.10 -17.76
N LEU A 64 11.12 -1.11 -17.22
CA LEU A 64 11.23 -2.49 -17.69
C LEU A 64 10.15 -2.91 -18.68
N PHE A 65 9.17 -2.05 -18.98
CA PHE A 65 8.15 -2.33 -19.96
C PHE A 65 8.71 -2.25 -21.39
N ARG A 66 7.91 -2.67 -22.36
CA ARG A 66 8.34 -2.72 -23.75
C ARG A 66 8.09 -1.38 -24.46
N HIS A 67 9.11 -0.86 -25.17
CA HIS A 67 9.02 0.43 -25.86
C HIS A 67 9.22 0.26 -27.37
N PRO A 68 8.64 1.15 -28.17
CA PRO A 68 8.89 1.11 -29.63
C PRO A 68 10.33 1.37 -29.96
N PRO A 69 10.79 0.98 -31.15
CA PRO A 69 12.12 1.38 -31.60
C PRO A 69 12.16 2.89 -31.84
N GLY A 70 13.34 3.44 -31.70
CA GLY A 70 13.52 4.88 -31.82
C GLY A 70 13.63 5.59 -30.51
N ARG A 71 13.41 4.90 -29.40
CA ARG A 71 13.67 5.47 -28.08
C ARG A 71 15.14 5.31 -27.76
N VAL A 72 15.81 6.42 -27.48
CA VAL A 72 17.26 6.44 -27.26
C VAL A 72 17.54 6.64 -25.78
N LEU A 73 18.37 5.77 -25.21
CA LEU A 73 18.80 5.90 -23.82
C LEU A 73 20.05 6.78 -23.71
N GLY B 1 -9.16 26.82 5.22
CA GLY B 1 -7.71 26.80 5.35
C GLY B 1 -7.07 25.56 4.76
N SER B 2 -5.74 25.55 4.67
CA SER B 2 -5.02 24.39 4.13
C SER B 2 -3.79 24.14 4.98
N GLU B 3 -3.49 22.86 5.21
CA GLU B 3 -2.28 22.45 5.90
C GLU B 3 -1.19 21.96 4.95
N LYS B 4 -1.36 22.16 3.64
CA LYS B 4 -0.39 21.62 2.70
C LYS B 4 0.94 22.35 2.80
N SER B 5 2.02 21.59 2.54
CA SER B 5 3.40 22.05 2.61
C SER B 5 4.09 21.95 1.25
N LEU B 6 5.03 22.87 1.00
CA LEU B 6 5.85 22.74 -0.20
C LEU B 6 6.93 21.65 -0.07
N GLU B 7 7.22 21.18 1.13
CA GLU B 7 8.21 20.11 1.27
C GLU B 7 7.78 18.86 0.50
N GLN B 8 8.78 18.17 -0.06
CA GLN B 8 8.56 17.03 -0.94
C GLN B 8 8.24 15.76 -0.15
N CYS B 9 7.23 15.02 -0.63
CA CYS B 9 6.95 13.70 -0.06
C CYS B 9 8.01 12.68 -0.47
N LYS B 10 8.57 11.98 0.52
CA LYS B 10 9.64 11.02 0.23
C LYS B 10 9.15 9.75 -0.44
N PHE B 11 7.84 9.49 -0.49
CA PHE B 11 7.32 8.28 -1.12
C PHE B 11 6.78 8.49 -2.55
N GLY B 12 6.61 9.73 -3.00
CA GLY B 12 6.23 9.99 -4.38
C GLY B 12 4.90 9.34 -4.76
N THR B 13 4.86 8.73 -5.96
CA THR B 13 3.68 8.03 -6.45
C THR B 13 3.30 6.81 -5.60
N HIS B 14 4.18 6.34 -4.72
CA HIS B 14 3.90 5.17 -3.90
C HIS B 14 3.44 5.53 -2.50
N CYS B 15 3.20 6.81 -2.24
CA CYS B 15 2.58 7.23 -0.98
C CYS B 15 1.14 6.74 -0.89
N THR B 16 0.79 6.15 0.27
CA THR B 16 -0.58 5.69 0.51
C THR B 16 -1.19 6.31 1.77
N ASN B 17 -0.62 7.43 2.24
CA ASN B 17 -1.20 8.26 3.30
C ASN B 17 -2.31 9.14 2.69
N LYS B 18 -3.57 8.77 2.94
CA LYS B 18 -4.69 9.49 2.35
C LYS B 18 -4.78 10.94 2.83
N ARG B 19 -4.08 11.30 3.91
CA ARG B 19 -4.05 12.69 4.39
C ARG B 19 -2.69 13.36 4.24
N CYS B 20 -1.83 12.85 3.36
CA CYS B 20 -0.48 13.40 3.23
C CYS B 20 -0.53 14.88 2.85
N LYS B 21 0.29 15.69 3.54
CA LYS B 21 0.37 17.13 3.35
C LYS B 21 1.39 17.58 2.32
N TYR B 22 2.24 16.70 1.81
CA TYR B 22 3.45 17.07 1.08
C TYR B 22 3.27 16.95 -0.44
N ARG B 23 4.27 17.46 -1.20
CA ARG B 23 4.19 17.49 -2.66
C ARG B 23 4.67 16.16 -3.27
N HIS B 24 3.96 15.68 -4.31
CA HIS B 24 4.23 14.38 -4.92
C HIS B 24 4.67 14.54 -6.37
N ALA B 25 5.83 13.99 -6.72
CA ALA B 25 6.31 14.00 -8.10
C ALA B 25 5.69 12.86 -8.91
N ARG B 26 5.13 13.21 -10.08
CA ARG B 26 4.62 12.24 -11.06
C ARG B 26 5.43 12.22 -12.34
N SER B 27 6.56 12.92 -12.38
CA SER B 27 7.48 12.91 -13.52
C SER B 27 8.89 12.59 -13.06
N HIS B 28 9.65 11.92 -13.94
CA HIS B 28 11.07 11.68 -13.70
C HIS B 28 11.94 12.89 -14.02
N ILE B 29 11.37 13.94 -14.57
CA ILE B 29 12.08 15.18 -14.87
C ILE B 29 12.14 16.04 -13.61
N MET B 30 13.34 16.57 -13.32
CA MET B 30 13.51 17.52 -12.22
C MET B 30 12.89 18.89 -12.55
N CYS B 31 12.19 19.48 -11.59
CA CYS B 31 11.56 20.77 -11.80
C CYS B 31 12.59 21.84 -12.14
N ARG B 32 12.34 22.59 -13.22
CA ARG B 32 13.25 23.66 -13.66
C ARG B 32 13.34 24.81 -12.65
N GLU B 33 12.35 24.94 -11.76
CA GLU B 33 12.36 25.94 -10.72
C GLU B 33 13.07 25.49 -9.44
N GLY B 34 13.49 24.22 -9.36
CA GLY B 34 14.31 23.75 -8.25
C GLY B 34 13.58 23.77 -6.91
N ALA B 35 14.39 23.81 -5.84
CA ALA B 35 13.82 23.91 -4.50
C ALA B 35 13.06 25.22 -4.26
N ASN B 36 13.22 26.22 -5.13
CA ASN B 36 12.51 27.49 -5.02
C ASN B 36 11.10 27.45 -5.59
N CYS B 37 10.66 26.32 -6.14
CA CYS B 37 9.32 26.24 -6.73
C CYS B 37 8.24 26.42 -5.65
N THR B 38 7.28 27.32 -5.92
CA THR B 38 6.21 27.62 -4.97
C THR B 38 4.83 27.11 -5.39
N ARG B 39 4.74 26.30 -6.46
CA ARG B 39 3.47 25.80 -6.97
C ARG B 39 3.06 24.57 -6.16
N ILE B 40 1.97 24.68 -5.41
CA ILE B 40 1.65 23.63 -4.44
C ILE B 40 1.33 22.31 -5.14
N ASP B 41 0.74 22.35 -6.34
CA ASP B 41 0.38 21.14 -7.08
C ASP B 41 1.39 20.77 -8.17
N CYS B 42 2.63 21.29 -8.10
CA CYS B 42 3.65 20.97 -9.11
C CYS B 42 3.96 19.47 -9.12
N LEU B 43 3.99 18.89 -10.32
CA LEU B 43 4.17 17.45 -10.50
C LEU B 43 5.61 17.03 -10.79
N PHE B 44 6.55 17.98 -10.95
CA PHE B 44 7.95 17.66 -11.26
C PHE B 44 8.78 17.46 -9.97
N GLY B 45 9.97 16.88 -10.12
CA GLY B 45 10.74 16.51 -8.93
C GLY B 45 11.43 17.69 -8.25
N HIS B 46 11.42 17.68 -6.91
CA HIS B 46 12.12 18.67 -6.08
C HIS B 46 12.90 17.95 -4.98
N PRO B 47 13.95 18.59 -4.44
CA PRO B 47 14.76 17.93 -3.40
C PRO B 47 13.99 17.64 -2.12
N ILE B 48 14.26 16.44 -1.53
CA ILE B 48 13.73 15.99 -0.25
C ILE B 48 14.66 16.43 0.88
N ASN B 49 14.08 16.87 1.99
CA ASN B 49 14.86 17.35 3.13
C ASN B 49 15.22 16.19 4.07
N GLU B 50 16.05 15.27 3.54
CA GLU B 50 16.53 14.12 4.28
C GLU B 50 17.75 13.55 3.58
N ASP B 51 18.74 13.10 4.36
CA ASP B 51 19.96 12.52 3.79
C ASP B 51 19.69 11.14 3.16
N CYS B 52 20.28 10.89 1.99
CA CYS B 52 20.16 9.60 1.32
C CYS B 52 20.89 8.50 2.09
N ARG B 53 20.19 7.36 2.27
CA ARG B 53 20.75 6.19 2.95
C ARG B 53 21.97 5.63 2.23
N PHE B 54 22.06 5.83 0.92
CA PHE B 54 23.08 5.22 0.09
C PHE B 54 24.29 6.13 -0.12
N GLY B 55 24.24 7.34 0.42
CA GLY B 55 25.45 8.16 0.56
C GLY B 55 26.04 8.64 -0.76
N VAL B 56 27.35 8.89 -0.72
CA VAL B 56 28.02 9.50 -1.85
C VAL B 56 28.07 8.55 -3.06
N ASN B 57 27.88 7.25 -2.85
CA ASN B 57 27.93 6.27 -3.93
C ASN B 57 26.54 5.88 -4.45
N CYS B 58 25.50 6.60 -4.07
CA CYS B 58 24.18 6.35 -4.66
C CYS B 58 24.24 6.55 -6.18
N LYS B 59 23.73 5.56 -6.92
CA LYS B 59 23.77 5.61 -8.39
C LYS B 59 22.40 5.77 -9.05
N ASN B 60 21.33 5.98 -8.28
CA ASN B 60 20.00 6.18 -8.84
C ASN B 60 19.90 7.62 -9.36
N ILE B 61 19.86 7.80 -10.68
CA ILE B 61 19.93 9.15 -11.20
C ILE B 61 18.67 9.98 -10.91
N TYR B 62 17.56 9.34 -10.52
CA TYR B 62 16.34 10.05 -10.17
C TYR B 62 16.19 10.30 -8.66
N CYS B 63 17.20 9.91 -7.86
CA CYS B 63 17.10 10.07 -6.41
C CYS B 63 16.96 11.54 -6.01
N LEU B 64 15.95 11.84 -5.18
CA LEU B 64 15.69 13.20 -4.72
C LEU B 64 16.25 13.50 -3.33
N PHE B 65 16.85 12.53 -2.65
CA PHE B 65 17.40 12.74 -1.31
C PHE B 65 18.73 13.52 -1.39
N ARG B 66 19.20 13.96 -0.22
CA ARG B 66 20.40 14.80 -0.11
C ARG B 66 21.65 13.92 -0.09
N HIS B 67 22.66 14.30 -0.86
CA HIS B 67 23.92 13.54 -0.96
C HIS B 67 25.12 14.40 -0.58
N PRO B 68 26.18 13.79 -0.07
CA PRO B 68 27.41 14.57 0.23
C PRO B 68 28.06 15.07 -1.05
N PRO B 69 28.94 16.08 -0.96
CA PRO B 69 29.58 16.58 -2.17
C PRO B 69 30.49 15.53 -2.79
N GLY B 70 30.62 15.61 -4.12
CA GLY B 70 31.49 14.70 -4.82
C GLY B 70 30.84 13.44 -5.33
N ARG B 71 29.53 13.31 -5.18
CA ARG B 71 28.83 12.20 -5.82
C ARG B 71 28.95 12.32 -7.33
N VAL B 72 29.25 11.20 -7.98
CA VAL B 72 29.46 11.14 -9.42
C VAL B 72 28.42 10.23 -10.04
N LEU B 73 27.79 10.69 -11.10
CA LEU B 73 26.87 9.89 -11.90
C LEU B 73 27.42 9.73 -13.31
N PRO B 74 26.99 8.69 -14.04
CA PRO B 74 27.48 8.49 -15.42
C PRO B 74 27.13 9.65 -16.35
N GLU E 3 16.50 -9.02 16.19
CA GLU E 3 15.98 -7.95 15.36
C GLU E 3 14.49 -7.72 15.61
N LYS E 4 13.72 -8.79 15.73
CA LYS E 4 12.29 -8.68 15.85
C LYS E 4 11.86 -8.24 17.24
N SER E 5 10.73 -7.53 17.29
CA SER E 5 10.21 -6.94 18.51
C SER E 5 8.83 -7.51 18.83
N LEU E 6 8.51 -7.57 20.13
CA LEU E 6 7.17 -7.97 20.55
C LEU E 6 6.12 -6.85 20.38
N GLU E 7 6.56 -5.60 20.24
CA GLU E 7 5.63 -4.48 20.04
C GLU E 7 4.71 -4.75 18.84
N GLN E 8 3.41 -4.46 19.01
CA GLN E 8 2.41 -4.76 17.99
C GLN E 8 2.47 -3.76 16.82
N CYS E 9 2.47 -4.28 15.59
CA CYS E 9 2.39 -3.38 14.43
C CYS E 9 1.01 -2.76 14.35
N LYS E 10 0.96 -1.43 14.21
CA LYS E 10 -0.33 -0.76 14.20
C LYS E 10 -1.10 -0.93 12.88
N PHE E 11 -0.47 -1.46 11.83
CA PHE E 11 -1.13 -1.63 10.54
C PHE E 11 -1.57 -3.07 10.24
N GLY E 12 -1.18 -4.04 11.06
CA GLY E 12 -1.66 -5.41 10.90
C GLY E 12 -1.38 -6.01 9.53
N THR E 13 -2.39 -6.66 8.95
CA THR E 13 -2.24 -7.29 7.64
C THR E 13 -2.07 -6.27 6.52
N HIS E 14 -2.32 -4.99 6.77
CA HIS E 14 -2.15 -3.93 5.76
C HIS E 14 -0.82 -3.22 5.87
N CYS E 15 0.10 -3.73 6.67
CA CYS E 15 1.46 -3.19 6.72
C CYS E 15 2.18 -3.46 5.40
N THR E 16 2.85 -2.44 4.85
CA THR E 16 3.61 -2.58 3.61
C THR E 16 5.10 -2.22 3.78
N ASN E 17 5.60 -2.19 5.02
CA ASN E 17 7.03 -2.08 5.29
C ASN E 17 7.68 -3.45 5.18
N LYS E 18 8.43 -3.68 4.10
CA LYS E 18 9.00 -4.99 3.82
C LYS E 18 10.00 -5.43 4.88
N ARG E 19 10.53 -4.49 5.66
CA ARG E 19 11.49 -4.78 6.71
C ARG E 19 10.91 -4.62 8.11
N CYS E 20 9.58 -4.59 8.24
CA CYS E 20 8.95 -4.33 9.52
C CYS E 20 9.38 -5.34 10.60
N LYS E 21 9.76 -4.83 11.76
CA LYS E 21 10.24 -5.70 12.83
C LYS E 21 9.16 -6.06 13.87
N TYR E 22 7.93 -5.55 13.72
CA TYR E 22 6.89 -5.67 14.74
C TYR E 22 5.99 -6.90 14.51
N ARG E 23 5.11 -7.19 15.48
CA ARG E 23 4.21 -8.35 15.40
C ARG E 23 2.92 -8.00 14.65
N HIS E 24 2.48 -8.90 13.78
CA HIS E 24 1.30 -8.65 12.94
C HIS E 24 0.18 -9.65 13.25
N ALA E 25 -0.99 -9.12 13.60
CA ALA E 25 -2.15 -9.96 13.87
C ALA E 25 -2.83 -10.35 12.56
N ARG E 26 -3.02 -11.66 12.37
CA ARG E 26 -3.80 -12.20 11.26
C ARG E 26 -5.15 -12.78 11.71
N SER E 27 -5.47 -12.71 13.01
CA SER E 27 -6.76 -13.09 13.54
C SER E 27 -7.39 -11.92 14.29
N HIS E 28 -8.71 -11.79 14.18
CA HIS E 28 -9.44 -10.79 14.96
C HIS E 28 -9.64 -11.21 16.41
N ILE E 29 -9.29 -12.45 16.76
CA ILE E 29 -9.36 -12.93 18.14
C ILE E 29 -8.21 -12.33 18.95
N MET E 30 -8.53 -11.84 20.16
CA MET E 30 -7.51 -11.31 21.06
C MET E 30 -6.73 -12.44 21.71
N CYS E 31 -5.41 -12.27 21.78
CA CYS E 31 -4.56 -13.31 22.37
C CYS E 31 -4.93 -13.59 23.82
N ARG E 32 -5.08 -14.88 24.15
CA ARG E 32 -5.44 -15.28 25.50
C ARG E 32 -4.34 -15.01 26.52
N GLU E 33 -3.11 -14.75 26.07
CA GLU E 33 -2.05 -14.35 26.98
C GLU E 33 -1.97 -12.84 27.17
N GLY E 34 -2.76 -12.07 26.42
CA GLY E 34 -2.82 -10.64 26.62
C GLY E 34 -1.57 -9.89 26.17
N ALA E 35 -1.45 -8.67 26.72
CA ALA E 35 -0.37 -7.79 26.31
C ALA E 35 1.01 -8.35 26.63
N ASN E 36 1.12 -9.29 27.58
CA ASN E 36 2.42 -9.79 27.98
C ASN E 36 2.83 -11.08 27.28
N CYS E 37 2.10 -11.51 26.25
CA CYS E 37 2.53 -12.61 25.38
C CYS E 37 3.94 -12.39 24.85
N THR E 38 4.80 -13.43 24.95
CA THR E 38 6.19 -13.35 24.48
C THR E 38 6.49 -14.24 23.26
N ARG E 39 5.49 -14.77 22.57
CA ARG E 39 5.72 -15.58 21.36
C ARG E 39 5.94 -14.64 20.16
N ILE E 40 7.15 -14.67 19.59
CA ILE E 40 7.52 -13.64 18.63
C ILE E 40 6.67 -13.70 17.36
N ASP E 41 6.23 -14.89 16.93
CA ASP E 41 5.45 -15.04 15.71
C ASP E 41 3.95 -15.21 15.99
N CYS E 42 3.49 -14.86 17.20
CA CYS E 42 2.07 -15.01 17.53
C CYS E 42 1.21 -14.19 16.59
N LEU E 43 0.15 -14.82 16.06
CA LEU E 43 -0.73 -14.20 15.07
C LEU E 43 -2.02 -13.63 15.66
N PHE E 44 -2.24 -13.75 16.97
CA PHE E 44 -3.45 -13.22 17.60
C PHE E 44 -3.25 -11.76 18.03
N GLY E 45 -4.34 -11.08 18.34
CA GLY E 45 -4.28 -9.66 18.64
C GLY E 45 -3.71 -9.33 20.02
N HIS E 46 -2.88 -8.30 20.07
CA HIS E 46 -2.36 -7.70 21.30
C HIS E 46 -2.52 -6.19 21.24
N PRO E 47 -2.59 -5.53 22.40
CA PRO E 47 -2.82 -4.06 22.39
C PRO E 47 -1.70 -3.27 21.72
N ILE E 48 -2.12 -2.24 20.95
CA ILE E 48 -1.21 -1.26 20.36
C ILE E 48 -0.89 -0.17 21.38
N ASN E 49 0.36 0.32 21.38
CA ASN E 49 0.80 1.38 22.30
C ASN E 49 0.48 2.80 21.79
N GLU E 50 -0.81 3.04 21.54
CA GLU E 50 -1.28 4.34 21.02
C GLU E 50 -2.77 4.48 21.32
N ASP E 51 -3.18 5.71 21.71
CA ASP E 51 -4.60 5.99 21.96
C ASP E 51 -5.42 5.93 20.66
N CYS E 52 -6.61 5.34 20.74
CA CYS E 52 -7.53 5.33 19.59
C CYS E 52 -8.04 6.74 19.27
N ARG E 53 -7.95 7.12 17.99
CA ARG E 53 -8.48 8.40 17.52
C ARG E 53 -9.97 8.53 17.74
N PHE E 54 -10.70 7.43 17.87
CA PHE E 54 -12.15 7.45 17.92
C PHE E 54 -12.70 7.34 19.35
N GLY E 55 -11.81 7.24 20.34
CA GLY E 55 -12.10 7.44 21.76
C GLY E 55 -13.12 6.49 22.38
N VAL E 56 -13.85 7.03 23.36
CA VAL E 56 -14.80 6.26 24.16
C VAL E 56 -15.96 5.72 23.32
N ASN E 57 -16.22 6.31 22.15
CA ASN E 57 -17.32 5.91 21.30
C ASN E 57 -16.90 5.03 20.12
N CYS E 58 -15.66 4.56 20.08
CA CYS E 58 -15.23 3.65 19.00
C CYS E 58 -16.10 2.41 18.97
N LYS E 59 -16.65 2.10 17.79
CA LYS E 59 -17.58 1.00 17.63
C LYS E 59 -16.99 -0.22 16.90
N ASN E 60 -15.71 -0.19 16.51
CA ASN E 60 -15.05 -1.31 15.81
C ASN E 60 -14.63 -2.34 16.86
N ILE E 61 -15.37 -3.47 16.95
CA ILE E 61 -15.12 -4.39 18.06
C ILE E 61 -13.73 -5.04 17.99
N TYR E 62 -13.06 -4.99 16.82
CA TYR E 62 -11.76 -5.60 16.65
C TYR E 62 -10.60 -4.61 16.84
N CYS E 63 -10.89 -3.36 17.17
CA CYS E 63 -9.88 -2.32 17.31
C CYS E 63 -8.88 -2.66 18.42
N LEU E 64 -7.57 -2.59 18.10
CA LEU E 64 -6.51 -2.88 19.06
C LEU E 64 -5.90 -1.63 19.71
N PHE E 65 -6.35 -0.43 19.33
CA PHE E 65 -5.83 0.81 19.94
C PHE E 65 -6.42 0.99 21.35
N ARG E 66 -5.88 1.94 22.11
CA ARG E 66 -6.23 2.12 23.52
C ARG E 66 -7.49 2.97 23.66
N HIS E 67 -8.45 2.52 24.51
CA HIS E 67 -9.71 3.23 24.74
C HIS E 67 -9.90 3.55 26.22
N PRO E 68 -10.60 4.65 26.55
CA PRO E 68 -10.94 4.93 27.95
C PRO E 68 -11.90 3.90 28.54
N PRO E 69 -12.00 3.82 29.86
CA PRO E 69 -12.73 2.71 30.49
C PRO E 69 -14.21 2.67 30.19
N GLY E 70 -14.83 3.80 29.85
CA GLY E 70 -16.24 3.84 29.55
C GLY E 70 -16.64 3.12 28.29
N ARG E 71 -15.70 2.73 27.44
CA ARG E 71 -16.05 1.97 26.24
C ARG E 71 -16.23 0.51 26.60
N VAL E 72 -17.44 0.00 26.44
CA VAL E 72 -17.77 -1.37 26.80
C VAL E 72 -18.25 -2.09 25.54
N LEU E 73 -17.70 -3.25 25.28
CA LEU E 73 -18.16 -4.04 24.15
C LEU E 73 -19.23 -5.02 24.59
N PRO E 74 -20.37 -5.13 23.86
CA PRO E 74 -21.33 -6.21 24.13
C PRO E 74 -20.68 -7.58 24.20
N GLY F 1 -24.05 7.78 -18.83
CA GLY F 1 -23.73 8.18 -17.48
C GLY F 1 -22.25 8.13 -17.19
N SER F 2 -21.89 8.43 -15.94
CA SER F 2 -20.47 8.49 -15.61
C SER F 2 -19.88 7.09 -15.51
N GLU F 3 -18.53 7.05 -15.47
CA GLU F 3 -17.79 5.80 -15.40
C GLU F 3 -17.92 5.11 -14.04
N LYS F 4 -18.38 5.82 -13.02
CA LYS F 4 -18.41 5.26 -11.67
C LYS F 4 -19.47 4.16 -11.58
N SER F 5 -19.14 3.10 -10.83
CA SER F 5 -20.03 1.95 -10.64
C SER F 5 -20.52 1.87 -9.19
N LEU F 6 -21.76 1.39 -9.03
CA LEU F 6 -22.29 1.09 -7.70
C LEU F 6 -21.70 -0.18 -7.09
N GLU F 7 -21.06 -1.04 -7.87
CA GLU F 7 -20.46 -2.24 -7.31
C GLU F 7 -19.41 -1.89 -6.26
N GLN F 8 -19.35 -2.71 -5.21
CA GLN F 8 -18.48 -2.45 -4.06
C GLN F 8 -17.02 -2.83 -4.34
N CYS F 9 -16.09 -1.90 -4.07
CA CYS F 9 -14.66 -2.22 -4.12
C CYS F 9 -14.30 -3.20 -3.01
N LYS F 10 -13.65 -4.32 -3.38
CA LYS F 10 -13.33 -5.33 -2.38
C LYS F 10 -12.19 -4.94 -1.45
N PHE F 11 -11.43 -3.86 -1.75
CA PHE F 11 -10.30 -3.43 -0.94
C PHE F 11 -10.64 -2.30 0.03
N GLY F 12 -11.79 -1.64 -0.13
CA GLY F 12 -12.22 -0.64 0.84
C GLY F 12 -11.22 0.48 1.02
N THR F 13 -10.96 0.81 2.30
CA THR F 13 -10.04 1.89 2.62
C THR F 13 -8.58 1.54 2.29
N HIS F 14 -8.29 0.29 1.91
CA HIS F 14 -6.94 -0.11 1.55
C HIS F 14 -6.76 -0.22 0.04
N CYS F 15 -7.72 0.28 -0.74
CA CYS F 15 -7.54 0.33 -2.20
C CYS F 15 -6.49 1.38 -2.57
N THR F 16 -5.54 1.00 -3.42
CA THR F 16 -4.51 1.92 -3.91
C THR F 16 -4.50 2.06 -5.44
N ASN F 17 -5.56 1.64 -6.12
CA ASN F 17 -5.76 1.89 -7.55
C ASN F 17 -6.28 3.32 -7.74
N LYS F 18 -5.44 4.22 -8.23
CA LYS F 18 -5.86 5.61 -8.43
C LYS F 18 -6.95 5.77 -9.47
N ARG F 19 -7.19 4.75 -10.31
CA ARG F 19 -8.23 4.80 -11.33
C ARG F 19 -9.48 3.98 -10.97
N CYS F 20 -9.60 3.54 -9.71
CA CYS F 20 -10.71 2.66 -9.34
C CYS F 20 -12.07 3.32 -9.55
N LYS F 21 -12.99 2.58 -10.21
CA LYS F 21 -14.32 3.08 -10.51
C LYS F 21 -15.38 2.69 -9.49
N TYR F 22 -15.04 1.92 -8.46
CA TYR F 22 -16.03 1.28 -7.60
C TYR F 22 -16.29 2.08 -6.30
N ARG F 23 -17.29 1.63 -5.53
CA ARG F 23 -17.68 2.29 -4.28
C ARG F 23 -16.81 1.78 -3.13
N HIS F 24 -16.42 2.71 -2.24
CA HIS F 24 -15.51 2.41 -1.12
C HIS F 24 -16.19 2.70 0.22
N ALA F 25 -16.24 1.67 1.07
CA ALA F 25 -16.80 1.82 2.41
C ALA F 25 -15.77 2.42 3.37
N ARG F 26 -16.20 3.41 4.17
CA ARG F 26 -15.40 3.98 5.24
C ARG F 26 -16.01 3.72 6.61
N SER F 27 -17.09 2.95 6.68
CA SER F 27 -17.71 2.54 7.94
C SER F 27 -17.86 1.02 7.97
N HIS F 28 -17.71 0.44 9.16
CA HIS F 28 -18.01 -0.98 9.35
C HIS F 28 -19.51 -1.24 9.40
N ILE F 29 -20.34 -0.20 9.50
CA ILE F 29 -21.79 -0.34 9.54
C ILE F 29 -22.29 -0.69 8.13
N MET F 30 -23.16 -1.70 8.06
CA MET F 30 -23.72 -2.09 6.77
C MET F 30 -24.89 -1.17 6.38
N CYS F 31 -24.89 -0.73 5.12
CA CYS F 31 -25.89 0.22 4.66
C CYS F 31 -27.30 -0.34 4.84
N ARG F 32 -28.20 0.49 5.37
CA ARG F 32 -29.56 0.05 5.66
C ARG F 32 -30.33 -0.32 4.40
N GLU F 33 -29.91 0.16 3.23
CA GLU F 33 -30.53 -0.17 1.96
C GLU F 33 -29.89 -1.38 1.27
N GLY F 34 -28.80 -1.90 1.83
CA GLY F 34 -28.19 -3.12 1.29
C GLY F 34 -27.79 -2.98 -0.17
N ALA F 35 -28.00 -4.05 -0.93
CA ALA F 35 -27.64 -4.08 -2.33
C ALA F 35 -28.54 -3.20 -3.21
N ASN F 36 -29.61 -2.64 -2.65
CA ASN F 36 -30.49 -1.74 -3.38
C ASN F 36 -30.09 -0.26 -3.26
N CYS F 37 -29.00 0.05 -2.55
CA CYS F 37 -28.56 1.43 -2.40
C CYS F 37 -28.03 1.97 -3.73
N THR F 38 -28.55 3.13 -4.17
CA THR F 38 -28.11 3.75 -5.41
C THR F 38 -27.36 5.07 -5.24
N ARG F 39 -26.92 5.41 -4.01
CA ARG F 39 -26.15 6.63 -3.78
C ARG F 39 -24.69 6.39 -4.12
N ILE F 40 -24.16 7.11 -5.12
CA ILE F 40 -22.88 6.68 -5.69
C ILE F 40 -21.69 6.92 -4.73
N ASP F 41 -21.79 7.90 -3.84
CA ASP F 41 -20.72 8.16 -2.86
C ASP F 41 -21.04 7.63 -1.46
N CYS F 42 -22.00 6.71 -1.32
CA CYS F 42 -22.34 6.15 -0.01
C CYS F 42 -21.12 5.52 0.65
N LEU F 43 -20.89 5.84 1.93
CA LEU F 43 -19.71 5.36 2.65
C LEU F 43 -19.96 4.11 3.49
N PHE F 44 -21.19 3.61 3.54
CA PHE F 44 -21.52 2.42 4.33
C PHE F 44 -21.30 1.15 3.52
N GLY F 45 -21.27 0.02 4.20
CA GLY F 45 -20.95 -1.26 3.54
C GLY F 45 -22.12 -1.85 2.76
N HIS F 46 -21.81 -2.37 1.56
CA HIS F 46 -22.75 -3.07 0.71
C HIS F 46 -22.16 -4.41 0.30
N PRO F 47 -23.01 -5.38 -0.07
CA PRO F 47 -22.50 -6.71 -0.46
C PRO F 47 -21.55 -6.66 -1.66
N ILE F 48 -20.44 -7.42 -1.55
CA ILE F 48 -19.49 -7.64 -2.66
C ILE F 48 -19.94 -8.85 -3.46
N ASN F 49 -19.84 -8.77 -4.79
CA ASN F 49 -20.30 -9.85 -5.67
C ASN F 49 -19.18 -10.88 -5.91
N GLU F 50 -18.76 -11.52 -4.82
CA GLU F 50 -17.71 -12.54 -4.84
C GLU F 50 -17.86 -13.44 -3.61
N ASP F 51 -17.64 -14.75 -3.77
CA ASP F 51 -17.73 -15.69 -2.65
C ASP F 51 -16.59 -15.50 -1.65
N CYS F 52 -16.94 -15.51 -0.36
CA CYS F 52 -15.92 -15.42 0.71
C CYS F 52 -14.98 -16.64 0.70
N ARG F 53 -13.66 -16.37 0.74
CA ARG F 53 -12.66 -17.44 0.81
C ARG F 53 -12.81 -18.30 2.07
N PHE F 54 -13.39 -17.74 3.12
CA PHE F 54 -13.49 -18.46 4.40
C PHE F 54 -14.84 -19.15 4.58
N GLY F 55 -15.75 -18.99 3.63
CA GLY F 55 -16.93 -19.85 3.51
C GLY F 55 -17.87 -19.80 4.71
N VAL F 56 -18.49 -20.94 5.00
CA VAL F 56 -19.47 -20.99 6.06
C VAL F 56 -18.83 -20.75 7.43
N ASN F 57 -17.51 -20.91 7.54
CA ASN F 57 -16.80 -20.74 8.80
C ASN F 57 -16.28 -19.32 9.06
N CYS F 58 -16.59 -18.37 8.19
CA CYS F 58 -16.10 -16.99 8.38
C CYS F 58 -16.71 -16.37 9.63
N LYS F 59 -15.85 -15.82 10.51
CA LYS F 59 -16.29 -15.23 11.77
C LYS F 59 -16.06 -13.71 11.86
N ASN F 60 -15.65 -13.07 10.77
CA ASN F 60 -15.51 -11.61 10.71
C ASN F 60 -16.89 -10.98 10.57
N ILE F 61 -17.41 -10.38 11.65
CA ILE F 61 -18.80 -9.89 11.61
C ILE F 61 -19.00 -8.76 10.60
N TYR F 62 -17.91 -8.11 10.16
CA TYR F 62 -18.00 -7.01 9.20
C TYR F 62 -17.78 -7.45 7.75
N CYS F 63 -17.57 -8.75 7.50
CA CYS F 63 -17.28 -9.23 6.14
C CYS F 63 -18.42 -8.95 5.17
N LEU F 64 -18.07 -8.37 4.01
CA LEU F 64 -19.03 -8.02 2.96
C LEU F 64 -19.12 -9.05 1.83
N PHE F 65 -18.34 -10.12 1.86
CA PHE F 65 -18.36 -11.14 0.80
C PHE F 65 -19.57 -12.06 0.96
N ARG F 66 -19.86 -12.87 -0.09
CA ARG F 66 -21.01 -13.80 -0.06
C ARG F 66 -20.70 -15.05 0.75
N HIS F 67 -21.64 -15.47 1.59
CA HIS F 67 -21.45 -16.68 2.39
C HIS F 67 -22.55 -17.71 2.13
N PRO F 68 -22.25 -18.99 2.32
CA PRO F 68 -23.28 -20.02 2.21
C PRO F 68 -24.33 -19.86 3.30
N PRO F 69 -25.52 -20.42 3.11
CA PRO F 69 -26.50 -20.41 4.19
C PRO F 69 -25.97 -21.27 5.33
N GLY F 70 -26.38 -20.95 6.54
CA GLY F 70 -25.95 -21.72 7.69
C GLY F 70 -24.77 -21.14 8.44
N ARG F 71 -24.15 -20.08 7.92
CA ARG F 71 -23.19 -19.34 8.70
C ARG F 71 -23.88 -18.70 9.90
N VAL F 72 -23.23 -18.78 11.06
CA VAL F 72 -23.75 -18.17 12.28
C VAL F 72 -22.66 -17.29 12.88
N LEU F 73 -23.10 -16.27 13.62
CA LEU F 73 -22.23 -15.31 14.29
C LEU F 73 -22.68 -15.15 15.74
N PRO F 74 -21.77 -14.70 16.62
CA PRO F 74 -22.14 -14.55 18.04
C PRO F 74 -23.36 -13.65 18.23
N GLU F 75 -24.14 -14.00 19.25
CA GLU F 75 -25.36 -13.26 19.57
C GLU F 75 -25.17 -12.50 20.88
ZN ZN I . 4.65 -8.79 -6.87
ZN ZN J . 18.47 -12.13 -13.19
ZN ZN K . 8.56 3.14 -20.13
ZN ZN L . 1.09 -12.17 -15.83
ZN ZN M . 2.83 11.61 0.46
ZN ZN N . 8.08 22.59 -9.25
ZN ZN O . 20.45 8.78 -3.29
ZN ZN P . 4.31 -3.92 10.24
ZN ZN Q . 0.02 -13.70 21.63
ZN ZN R . -10.83 2.12 18.59
ZN ZN S . -11.12 0.58 -5.11
ZN ZN T . -25.52 2.72 0.78
ZN ZN U . -16.52 -13.77 5.08
ZN ZN V . -22.41 7.25 -19.96
#